data_1ZTF
#
_entry.id   1ZTF
#
_cell.length_a   42.987
_cell.length_b   52.701
_cell.length_c   63.779
_cell.angle_alpha   90.00
_cell.angle_beta   108.89
_cell.angle_gamma   90.00
#
_symmetry.space_group_name_H-M   'P 1 21 1'
#
loop_
_entity.id
_entity.type
_entity.pdbx_description
1 polymer 'Rio1 serine protein kinase'
2 non-polymer 2-(6-AMINO-OCTAHYDRO-PURIN-9-YL)-5-HYDROXYMETHYL-TETRAHYDRO-FURAN-3,4-DIOL
3 water water
#
_entity_poly.entity_id   1
_entity_poly.type   'polypeptide(L)'
_entity_poly.pdbx_seq_one_letter_code
;(MSE)KDLKKIESYLDKLRIKEKDGEERKIYAEVLDGRTLKTLYKLSAKGYITA(MSE)GGVISTGKEANVFYADGVFDG
KPVA(MSE)AVKIYRIETSEFDK(MSE)DEYLYGDERFD(MSE)RRISPKEKVFIWTEKEFRNLERAKEAGVSVPQPYTY
(MSE)KNVLL(MSE)EFIGEDELPAPTLVELGRELKELDVEGIFNDVVENVKRLYQEAELVHADLSEYNI(MSE)YIDKV
YFID(MSE)GQAVTLRHP(MSE)AESYLERDVRNIIRFFSKYGVKADFEE(MSE)LKEVKGE
;
_entity_poly.pdbx_strand_id   A
#
loop_
_chem_comp.id
_chem_comp.type
_chem_comp.name
_chem_comp.formula
XYA non-polymer 2-(6-AMINO-OCTAHYDRO-PURIN-9-YL)-5-HYDROXYMETHYL-TETRAHYDRO-FURAN-3,4-DIOL 'C10 H13 N5 O4'
#
# COMPACT_ATOMS: atom_id res chain seq x y z
N LYS A 5 26.54 -30.86 -9.07
CA LYS A 5 26.19 -29.39 -8.88
C LYS A 5 24.69 -29.27 -8.94
N LYS A 6 24.10 -28.71 -7.88
CA LYS A 6 22.65 -28.64 -7.69
C LYS A 6 22.29 -27.23 -7.84
N ILE A 7 21.27 -26.97 -8.61
CA ILE A 7 20.73 -25.59 -8.65
C ILE A 7 20.62 -25.03 -7.22
N GLU A 8 20.86 -23.73 -7.05
CA GLU A 8 20.69 -23.09 -5.74
C GLU A 8 19.23 -22.89 -5.31
N SER A 9 18.38 -22.58 -6.29
CA SER A 9 17.03 -22.18 -6.01
C SER A 9 16.18 -22.41 -7.27
N TYR A 10 14.89 -22.22 -7.09
CA TYR A 10 13.96 -22.42 -8.21
C TYR A 10 13.52 -21.08 -8.84
N LEU A 11 14.38 -20.09 -8.73
CA LEU A 11 14.04 -18.76 -9.25
C LEU A 11 13.75 -18.73 -10.71
N ASP A 12 14.45 -19.54 -11.48
CA ASP A 12 14.20 -19.57 -12.93
C ASP A 12 12.87 -20.14 -13.41
N LYS A 13 12.05 -20.53 -12.46
CA LYS A 13 10.70 -20.93 -12.81
C LYS A 13 9.80 -19.75 -12.88
N LEU A 14 10.20 -18.60 -12.34
CA LEU A 14 9.37 -17.42 -12.47
C LEU A 14 9.59 -16.81 -13.85
N ARG A 15 8.57 -16.13 -14.37
CA ARG A 15 8.69 -15.39 -15.60
C ARG A 15 9.01 -13.95 -15.28
N ILE A 16 10.27 -13.59 -15.45
CA ILE A 16 10.80 -12.24 -15.14
C ILE A 16 11.28 -11.68 -16.44
N LYS A 17 10.68 -10.56 -16.83
CA LYS A 17 11.03 -9.79 -17.98
C LYS A 17 12.45 -9.25 -17.82
N GLU A 18 13.18 -9.17 -18.93
CA GLU A 18 14.52 -8.62 -18.93
C GLU A 18 15.34 -9.19 -17.81
N LYS A 19 15.42 -10.51 -17.74
CA LYS A 19 16.12 -11.19 -16.71
C LYS A 19 17.56 -11.34 -17.22
N ASP A 20 18.28 -10.22 -17.30
CA ASP A 20 19.75 -10.24 -17.33
C ASP A 20 20.37 -10.51 -16.01
N GLY A 21 21.69 -10.38 -16.02
CA GLY A 21 22.48 -10.65 -14.83
C GLY A 21 21.92 -9.94 -13.63
N GLU A 22 21.89 -8.62 -13.71
CA GLU A 22 21.63 -7.75 -12.56
C GLU A 22 20.19 -7.91 -12.08
N GLU A 23 19.24 -7.98 -13.02
CA GLU A 23 17.84 -8.23 -12.67
C GLU A 23 17.70 -9.51 -11.87
N ARG A 24 18.27 -10.61 -12.39
CA ARG A 24 18.21 -11.85 -11.62
C ARG A 24 18.76 -11.61 -10.24
N LYS A 25 19.85 -10.84 -10.13
CA LYS A 25 20.52 -10.76 -8.81
C LYS A 25 19.70 -10.08 -7.80
N ILE A 26 18.94 -9.10 -8.30
CA ILE A 26 18.08 -8.42 -7.44
C ILE A 26 17.01 -9.29 -6.88
N TYR A 27 16.37 -10.05 -7.78
CA TYR A 27 15.37 -11.01 -7.32
C TYR A 27 15.98 -12.06 -6.37
N ALA A 28 17.14 -12.54 -6.75
CA ALA A 28 17.75 -13.65 -5.99
C ALA A 28 18.09 -13.09 -4.59
N GLU A 29 18.48 -11.83 -4.52
CA GLU A 29 18.73 -11.22 -3.20
C GLU A 29 17.52 -11.00 -2.33
N VAL A 30 16.39 -10.56 -2.91
CA VAL A 30 15.20 -10.30 -2.09
C VAL A 30 14.18 -11.43 -1.86
N LEU A 31 14.10 -12.39 -2.76
CA LEU A 31 13.16 -13.50 -2.54
C LEU A 31 13.83 -14.58 -1.68
N ASP A 32 13.17 -15.01 -0.63
CA ASP A 32 13.52 -16.24 0.09
C ASP A 32 12.73 -17.38 -0.59
N GLY A 33 13.02 -18.61 -0.24
CA GLY A 33 12.46 -19.80 -0.89
C GLY A 33 11.00 -19.90 -0.70
N ARG A 34 10.53 -19.39 0.42
CA ARG A 34 9.12 -19.54 0.73
C ARG A 34 8.34 -18.56 -0.10
N THR A 35 8.94 -17.42 -0.33
CA THR A 35 8.29 -16.40 -1.09
C THR A 35 8.25 -16.75 -2.56
N LEU A 36 9.37 -17.24 -3.04
CA LEU A 36 9.50 -17.82 -4.35
C LEU A 36 8.39 -18.84 -4.64
N LYS A 37 8.09 -19.73 -3.71
CA LYS A 37 7.05 -20.70 -3.92
C LYS A 37 5.69 -20.04 -4.09
N THR A 38 5.37 -19.09 -3.24
CA THR A 38 4.17 -18.35 -3.29
C THR A 38 3.98 -17.61 -4.64
N LEU A 39 5.00 -16.91 -5.09
CA LEU A 39 4.94 -16.27 -6.44
C LEU A 39 4.71 -17.27 -7.60
N TYR A 40 5.40 -18.41 -7.53
CA TYR A 40 5.20 -19.49 -8.49
C TYR A 40 3.74 -19.94 -8.49
N LYS A 41 3.25 -20.19 -7.29
CA LYS A 41 1.83 -20.53 -7.16
C LYS A 41 0.84 -19.52 -7.69
N LEU A 42 1.08 -18.23 -7.45
CA LEU A 42 0.23 -17.23 -8.05
C LEU A 42 0.33 -17.19 -9.58
N SER A 43 1.48 -17.50 -10.11
CA SER A 43 1.63 -17.51 -11.54
C SER A 43 0.84 -18.71 -12.12
N ALA A 44 0.94 -19.85 -11.48
CA ALA A 44 0.24 -21.01 -12.01
C ALA A 44 -1.29 -20.95 -11.87
N LYS A 45 -1.80 -20.18 -10.93
CA LYS A 45 -3.18 -20.00 -10.78
C LYS A 45 -3.64 -19.00 -11.81
N GLY A 46 -2.74 -18.41 -12.58
CA GLY A 46 -3.18 -17.41 -13.52
C GLY A 46 -3.17 -15.96 -13.14
N TYR A 47 -2.70 -15.57 -11.96
CA TYR A 47 -2.81 -14.12 -11.60
C TYR A 47 -1.63 -13.31 -12.14
N ILE A 48 -0.43 -13.86 -12.00
CA ILE A 48 0.80 -13.26 -12.48
C ILE A 48 1.23 -13.81 -13.82
N THR A 49 1.27 -12.93 -14.81
CA THR A 49 1.76 -13.29 -16.17
C THR A 49 3.33 -13.16 -16.34
N ALA A 50 3.88 -12.05 -15.91
CA ALA A 50 5.27 -11.85 -15.85
C ALA A 50 5.62 -10.73 -14.87
N MSE A 51 6.76 -10.91 -14.23
CA MSE A 51 7.22 -9.94 -13.27
C MSE A 51 8.26 -9.03 -13.88
O MSE A 51 9.00 -9.43 -14.78
CB MSE A 51 7.86 -10.68 -12.10
CG MSE A 51 7.44 -12.08 -11.97
SE MSE A 51 7.16 -12.28 -10.05
CE MSE A 51 6.19 -11.13 -9.95
N GLY A 52 8.25 -7.78 -13.42
CA GLY A 52 9.06 -6.74 -14.03
C GLY A 52 9.97 -6.19 -12.93
N GLY A 53 10.17 -4.90 -12.97
CA GLY A 53 11.25 -4.34 -12.19
C GLY A 53 10.83 -4.03 -10.75
N VAL A 54 11.82 -3.62 -9.97
CA VAL A 54 11.60 -3.22 -8.61
C VAL A 54 10.99 -1.84 -8.61
N ILE A 55 9.93 -1.67 -7.86
CA ILE A 55 9.27 -0.39 -7.66
C ILE A 55 9.69 0.34 -6.37
N SER A 56 9.71 -0.39 -5.26
CA SER A 56 10.12 0.15 -3.94
C SER A 56 10.83 -0.95 -3.20
N THR A 57 11.90 -0.58 -2.54
CA THR A 57 12.53 -1.46 -1.57
C THR A 57 12.58 -0.79 -0.19
N GLY A 58 12.31 -1.59 0.84
CA GLY A 58 11.94 -1.07 2.14
C GLY A 58 12.25 -2.14 3.20
N LYS A 59 11.97 -1.82 4.45
CA LYS A 59 12.44 -2.60 5.58
C LYS A 59 11.48 -3.76 5.80
N GLU A 60 10.21 -3.38 5.93
CA GLU A 60 9.12 -4.33 6.07
C GLU A 60 8.66 -5.00 4.76
N ALA A 61 8.93 -4.35 3.62
CA ALA A 61 8.37 -4.86 2.36
C ALA A 61 8.98 -4.29 1.11
N ASN A 62 8.93 -5.07 0.04
CA ASN A 62 9.48 -4.65 -1.23
C ASN A 62 8.31 -4.75 -2.25
N VAL A 63 8.34 -3.96 -3.30
CA VAL A 63 7.25 -3.94 -4.25
C VAL A 63 7.84 -4.05 -5.63
N PHE A 64 7.21 -4.87 -6.46
CA PHE A 64 7.64 -5.13 -7.80
C PHE A 64 6.46 -4.91 -8.76
N TYR A 65 6.81 -4.67 -10.02
CA TYR A 65 5.81 -4.57 -11.14
C TYR A 65 5.48 -5.96 -11.64
N ALA A 66 4.22 -6.22 -12.01
CA ALA A 66 3.91 -7.42 -12.79
C ALA A 66 2.79 -7.19 -13.72
N ASP A 67 2.86 -7.85 -14.86
CA ASP A 67 1.64 -8.02 -15.68
C ASP A 67 0.85 -9.23 -15.18
N GLY A 68 -0.44 -9.13 -15.13
CA GLY A 68 -1.18 -10.29 -14.65
C GLY A 68 -2.59 -10.21 -15.14
N VAL A 69 -3.44 -11.02 -14.54
CA VAL A 69 -4.85 -11.18 -14.99
C VAL A 69 -5.78 -11.19 -13.72
N PHE A 70 -6.86 -10.39 -13.72
CA PHE A 70 -7.84 -10.45 -12.69
C PHE A 70 -9.22 -10.41 -13.34
N ASP A 71 -10.13 -11.29 -12.90
CA ASP A 71 -11.56 -11.24 -13.36
C ASP A 71 -11.55 -11.29 -14.89
N GLY A 72 -10.76 -12.17 -15.41
CA GLY A 72 -10.66 -12.33 -16.86
C GLY A 72 -10.08 -11.25 -17.70
N LYS A 73 -9.54 -10.18 -17.12
CA LYS A 73 -8.99 -9.04 -17.91
C LYS A 73 -7.50 -8.87 -17.61
N PRO A 74 -6.70 -8.46 -18.61
CA PRO A 74 -5.31 -8.06 -18.37
C PRO A 74 -5.21 -6.86 -17.54
N VAL A 75 -4.30 -6.92 -16.56
CA VAL A 75 -4.06 -5.79 -15.64
C VAL A 75 -2.52 -5.59 -15.41
N ALA A 76 -2.19 -4.39 -15.06
CA ALA A 76 -0.87 -4.07 -14.49
C ALA A 76 -0.97 -4.05 -12.91
N MSE A 77 0.01 -4.68 -12.28
CA MSE A 77 -0.07 -5.00 -10.89
C MSE A 77 1.10 -4.43 -10.19
O MSE A 77 2.18 -4.33 -10.78
CB MSE A 77 -0.05 -6.54 -10.67
CG MSE A 77 -1.34 -7.10 -10.95
SE MSE A 77 -1.19 -9.02 -10.80
CE MSE A 77 -3.06 -9.30 -10.87
N ALA A 78 0.85 -4.05 -8.92
CA ALA A 78 1.91 -3.93 -7.94
C ALA A 78 1.90 -5.15 -7.05
N VAL A 79 3.03 -5.77 -6.92
CA VAL A 79 3.18 -7.06 -6.20
C VAL A 79 3.96 -6.64 -4.94
N LYS A 80 3.25 -6.57 -3.85
CA LYS A 80 3.86 -6.17 -2.55
C LYS A 80 4.18 -7.41 -1.72
N ILE A 81 5.46 -7.52 -1.35
CA ILE A 81 5.93 -8.75 -0.66
C ILE A 81 6.49 -8.31 0.74
N TYR A 82 5.75 -8.64 1.78
CA TYR A 82 6.23 -8.47 3.21
C TYR A 82 7.41 -9.42 3.52
N ARG A 83 8.48 -8.89 4.12
CA ARG A 83 9.61 -9.71 4.54
C ARG A 83 9.13 -10.60 5.62
N ILE A 84 9.44 -11.90 5.54
CA ILE A 84 8.86 -12.83 6.51
C ILE A 84 9.51 -12.75 7.92
N GLU A 85 10.82 -12.74 7.98
CA GLU A 85 11.52 -12.36 9.17
C GLU A 85 11.00 -11.05 9.79
N THR A 86 10.23 -11.12 10.89
CA THR A 86 9.82 -9.91 11.63
C THR A 86 10.03 -10.02 13.18
N SER A 87 10.06 -8.87 13.86
CA SER A 87 10.80 -8.72 15.14
C SER A 87 9.89 -8.91 16.37
N GLU A 88 10.37 -8.62 17.59
CA GLU A 88 10.39 -7.27 18.18
C GLU A 88 9.12 -6.48 17.80
N PHE A 89 7.98 -6.92 18.35
CA PHE A 89 6.92 -5.98 18.71
C PHE A 89 6.86 -4.82 17.67
N ASP A 90 6.71 -5.19 16.41
CA ASP A 90 6.35 -4.23 15.39
C ASP A 90 5.31 -3.15 15.75
N LYS A 91 5.52 -1.96 15.24
CA LYS A 91 4.41 -1.02 15.05
C LYS A 91 3.12 -1.69 14.52
N MSE A 92 3.26 -2.73 13.70
CA MSE A 92 2.07 -3.31 13.10
C MSE A 92 1.35 -4.35 13.96
O MSE A 92 0.18 -4.62 13.75
CB MSE A 92 2.36 -3.89 11.75
CG MSE A 92 1.22 -3.62 10.80
SE MSE A 92 1.95 -2.60 9.30
CE MSE A 92 3.26 -4.08 8.76
N ASP A 93 2.03 -4.95 14.92
CA ASP A 93 1.37 -5.59 16.06
C ASP A 93 0.43 -4.66 16.79
N GLU A 94 0.88 -3.44 17.02
CA GLU A 94 0.04 -2.49 17.72
C GLU A 94 -1.13 -2.03 16.87
N TYR A 95 -0.99 -2.07 15.54
CA TYR A 95 -2.00 -1.53 14.64
C TYR A 95 -3.27 -2.49 14.63
N LEU A 96 -3.12 -3.70 15.12
CA LEU A 96 -4.22 -4.57 15.40
C LEU A 96 -5.11 -4.36 16.61
N TYR A 97 -4.69 -3.49 17.53
CA TYR A 97 -5.53 -3.28 18.72
C TYR A 97 -6.88 -2.76 18.33
N GLY A 98 -7.85 -3.44 18.87
CA GLY A 98 -9.23 -3.07 18.76
C GLY A 98 -9.91 -3.57 17.48
N ASP A 99 -9.17 -4.27 16.64
CA ASP A 99 -9.66 -4.75 15.31
C ASP A 99 -10.36 -6.07 15.42
N GLU A 100 -11.67 -5.97 15.34
CA GLU A 100 -12.57 -7.07 15.54
C GLU A 100 -12.40 -8.07 14.42
N ARG A 101 -11.78 -7.67 13.32
CA ARG A 101 -11.66 -8.59 12.18
C ARG A 101 -10.74 -9.67 12.49
N PHE A 102 -9.92 -9.52 13.53
CA PHE A 102 -8.74 -10.38 13.69
C PHE A 102 -8.67 -10.84 15.16
N ASP A 103 -8.64 -12.15 15.36
CA ASP A 103 -8.82 -12.81 16.69
C ASP A 103 -7.39 -13.19 17.13
N MSE A 104 -6.79 -12.41 18.03
CA MSE A 104 -5.53 -12.87 18.64
C MSE A 104 -5.61 -14.38 19.06
O MSE A 104 -4.67 -15.18 18.83
CB MSE A 104 -5.21 -11.95 19.84
CG MSE A 104 -3.97 -12.34 20.63
SE MSE A 104 -2.59 -13.09 19.47
CE MSE A 104 -1.08 -13.34 20.84
N ARG A 105 -6.76 -14.78 19.65
CA ARG A 105 -6.88 -16.15 20.17
C ARG A 105 -6.53 -17.17 19.09
N ARG A 106 -6.31 -16.71 17.86
CA ARG A 106 -6.14 -17.65 16.77
C ARG A 106 -4.73 -17.53 16.23
N ILE A 107 -3.96 -16.60 16.73
CA ILE A 107 -2.83 -16.13 15.94
C ILE A 107 -1.59 -16.15 16.77
N SER A 108 -0.46 -16.47 16.12
CA SER A 108 0.77 -16.89 16.76
C SER A 108 1.90 -16.03 16.22
N PRO A 109 2.95 -15.78 17.02
CA PRO A 109 3.92 -14.78 16.57
C PRO A 109 4.55 -15.17 15.27
N LYS A 110 4.54 -16.44 14.94
CA LYS A 110 5.27 -16.85 13.77
C LYS A 110 4.60 -16.37 12.44
N GLU A 111 3.29 -16.26 12.47
CA GLU A 111 2.49 -16.04 11.27
C GLU A 111 2.07 -14.61 11.17
N LYS A 112 2.64 -13.73 12.00
CA LYS A 112 2.12 -12.41 12.07
C LYS A 112 2.22 -11.58 10.76
N VAL A 113 3.28 -11.74 9.95
CA VAL A 113 3.35 -11.10 8.59
C VAL A 113 2.16 -11.46 7.66
N PHE A 114 1.60 -12.66 7.81
CA PHE A 114 0.48 -13.12 7.01
C PHE A 114 -0.76 -12.39 7.38
N ILE A 115 -0.86 -12.06 8.64
CA ILE A 115 -1.95 -11.28 9.04
C ILE A 115 -1.89 -9.85 8.60
N TRP A 116 -0.75 -9.26 8.68
CA TRP A 116 -0.56 -7.88 8.18
C TRP A 116 -0.90 -7.80 6.67
N THR A 117 -0.52 -8.81 5.93
CA THR A 117 -0.80 -8.84 4.46
C THR A 117 -2.32 -8.95 4.30
N GLU A 118 -2.93 -9.89 4.98
CA GLU A 118 -4.31 -9.94 5.00
C GLU A 118 -5.07 -8.73 5.36
N LYS A 119 -4.60 -8.05 6.40
CA LYS A 119 -5.20 -6.85 6.86
C LYS A 119 -5.03 -5.74 5.80
N GLU A 120 -3.83 -5.60 5.21
CA GLU A 120 -3.73 -4.60 4.09
C GLU A 120 -4.78 -4.90 3.01
N PHE A 121 -4.88 -6.13 2.56
CA PHE A 121 -5.88 -6.50 1.54
C PHE A 121 -7.31 -6.07 1.90
N ARG A 122 -7.72 -6.42 3.10
CA ARG A 122 -9.06 -6.07 3.53
C ARG A 122 -9.31 -4.60 3.78
N ASN A 123 -8.26 -3.88 4.13
CA ASN A 123 -8.36 -2.44 4.22
C ASN A 123 -8.54 -1.75 2.85
N LEU A 124 -7.79 -2.20 1.84
CA LEU A 124 -7.97 -1.79 0.41
C LEU A 124 -9.44 -2.08 0.03
N GLU A 125 -9.92 -3.28 0.29
CA GLU A 125 -11.35 -3.61 -0.03
C GLU A 125 -12.30 -2.67 0.62
N ARG A 126 -12.07 -2.49 1.92
CA ARG A 126 -12.93 -1.62 2.63
C ARG A 126 -12.90 -0.19 2.13
N ALA A 127 -11.71 0.34 1.92
CA ALA A 127 -11.59 1.70 1.44
C ALA A 127 -12.22 1.86 0.03
N LYS A 128 -11.98 0.92 -0.87
CA LYS A 128 -12.59 0.96 -2.24
C LYS A 128 -14.14 1.00 -2.19
N GLU A 129 -14.72 0.17 -1.32
CA GLU A 129 -16.16 0.13 -1.13
C GLU A 129 -16.71 1.44 -0.57
N ALA A 130 -15.89 2.26 0.10
CA ALA A 130 -16.30 3.55 0.64
C ALA A 130 -16.04 4.66 -0.27
N GLY A 131 -15.54 4.39 -1.46
CA GLY A 131 -15.30 5.48 -2.40
C GLY A 131 -14.00 6.18 -2.19
N VAL A 132 -13.09 5.52 -1.45
CA VAL A 132 -11.72 6.08 -1.31
C VAL A 132 -10.88 5.72 -2.53
N SER A 133 -10.10 6.71 -3.02
CA SER A 133 -9.14 6.45 -4.14
C SER A 133 -7.86 5.69 -3.65
N VAL A 134 -7.91 4.36 -3.70
CA VAL A 134 -6.79 3.43 -3.33
C VAL A 134 -6.66 2.49 -4.49
N PRO A 135 -5.51 1.76 -4.61
CA PRO A 135 -5.39 0.68 -5.60
C PRO A 135 -6.48 -0.36 -5.45
N GLN A 136 -7.07 -0.82 -6.56
CA GLN A 136 -7.98 -1.91 -6.46
C GLN A 136 -7.21 -3.14 -5.99
N PRO A 137 -7.72 -3.78 -4.92
CA PRO A 137 -7.03 -5.01 -4.55
C PRO A 137 -7.45 -6.20 -5.38
N TYR A 138 -6.48 -7.05 -5.70
CA TYR A 138 -6.75 -8.26 -6.55
C TYR A 138 -6.82 -9.56 -5.74
N THR A 139 -5.72 -9.98 -5.18
CA THR A 139 -5.74 -11.09 -4.27
C THR A 139 -4.61 -11.00 -3.31
N TYR A 140 -4.54 -11.93 -2.38
CA TYR A 140 -3.32 -12.07 -1.63
C TYR A 140 -3.04 -13.58 -1.31
N MSE A 141 -1.80 -13.92 -0.94
CA MSE A 141 -1.48 -15.27 -0.47
C MSE A 141 -0.27 -15.16 0.38
O MSE A 141 0.80 -14.69 -0.04
CB MSE A 141 -1.29 -16.25 -1.66
CG MSE A 141 -0.77 -17.60 -1.22
SE MSE A 141 -0.43 -18.74 -2.88
CE MSE A 141 -2.03 -18.67 -3.84
N LYS A 142 -0.36 -15.62 1.62
CA LYS A 142 0.87 -15.60 2.47
C LYS A 142 1.36 -14.14 2.69
N ASN A 143 2.64 -13.84 2.49
CA ASN A 143 3.17 -12.47 2.55
C ASN A 143 3.15 -11.64 1.23
N VAL A 144 2.41 -12.10 0.27
CA VAL A 144 2.24 -11.45 -1.07
C VAL A 144 0.85 -10.87 -1.27
N LEU A 145 0.81 -9.61 -1.64
CA LEU A 145 -0.44 -8.97 -1.94
C LEU A 145 -0.35 -8.39 -3.37
N LEU A 146 -1.40 -8.67 -4.14
CA LEU A 146 -1.46 -8.20 -5.57
C LEU A 146 -2.52 -7.15 -5.72
N MSE A 147 -2.10 -5.99 -6.20
CA MSE A 147 -3.06 -4.94 -6.41
C MSE A 147 -2.79 -4.14 -7.67
O MSE A 147 -1.77 -4.31 -8.25
CB MSE A 147 -2.97 -3.91 -5.22
CG MSE A 147 -1.69 -3.28 -5.18
SE MSE A 147 -1.41 -2.01 -3.54
CE MSE A 147 0.04 -3.15 -2.64
N GLU A 148 -3.68 -3.20 -7.96
CA GLU A 148 -3.61 -2.34 -9.13
C GLU A 148 -2.36 -1.47 -9.11
N PHE A 149 -1.63 -1.46 -10.25
CA PHE A 149 -0.49 -0.58 -10.47
C PHE A 149 -1.00 0.84 -10.68
N ILE A 150 -0.51 1.80 -9.84
CA ILE A 150 -0.92 3.22 -10.04
C ILE A 150 0.25 3.86 -10.79
N GLY A 151 0.09 4.15 -12.08
CA GLY A 151 1.24 4.54 -12.89
C GLY A 151 0.79 4.40 -14.33
N GLU A 152 1.77 4.46 -15.22
CA GLU A 152 1.53 4.24 -16.65
C GLU A 152 2.74 3.67 -17.30
N ASP A 153 2.56 2.57 -18.03
CA ASP A 153 3.63 2.01 -18.91
C ASP A 153 4.86 1.66 -18.00
N GLU A 154 4.55 0.98 -16.89
CA GLU A 154 5.47 0.51 -15.90
C GLU A 154 6.23 1.61 -15.12
N LEU A 155 5.73 2.80 -15.17
CA LEU A 155 6.34 3.92 -14.41
C LEU A 155 5.28 4.24 -13.36
N PRO A 156 5.69 4.08 -12.08
CA PRO A 156 4.74 4.44 -11.03
C PRO A 156 4.46 5.92 -10.97
N ALA A 157 3.25 6.28 -10.58
CA ALA A 157 2.90 7.68 -10.42
C ALA A 157 3.73 8.34 -9.37
N PRO A 158 4.00 9.64 -9.55
CA PRO A 158 4.72 10.36 -8.54
C PRO A 158 3.89 10.48 -7.32
N THR A 159 4.60 10.44 -6.19
CA THR A 159 4.07 10.94 -4.96
C THR A 159 4.07 12.45 -4.85
N LEU A 160 3.35 12.91 -3.87
CA LEU A 160 3.13 14.36 -3.69
C LEU A 160 4.48 15.01 -3.37
N VAL A 161 5.28 14.39 -2.55
CA VAL A 161 6.61 14.85 -2.25
C VAL A 161 7.59 14.88 -3.45
N GLU A 162 7.56 13.85 -4.31
CA GLU A 162 8.19 13.97 -5.63
C GLU A 162 7.67 15.16 -6.50
N LEU A 163 6.39 15.48 -6.48
CA LEU A 163 5.84 16.56 -7.34
C LEU A 163 6.31 17.91 -6.90
N GLY A 164 6.33 18.10 -5.59
CA GLY A 164 6.51 19.41 -4.98
C GLY A 164 5.92 20.55 -5.75
N ARG A 165 6.82 21.40 -6.26
CA ARG A 165 6.45 22.78 -6.60
C ARG A 165 5.58 22.63 -7.79
N GLU A 166 5.65 21.44 -8.39
CA GLU A 166 5.03 21.18 -9.61
C GLU A 166 3.54 21.17 -9.40
N LEU A 167 3.17 21.03 -8.13
CA LEU A 167 1.75 20.90 -7.74
C LEU A 167 1.06 22.21 -8.08
N LYS A 168 1.82 23.28 -7.91
CA LYS A 168 1.39 24.61 -8.35
C LYS A 168 0.99 24.72 -9.85
N GLU A 169 1.33 23.73 -10.68
CA GLU A 169 0.87 23.75 -12.07
C GLU A 169 -0.37 22.88 -12.26
N LEU A 170 -0.88 22.25 -11.17
CA LEU A 170 -2.01 21.31 -11.26
C LEU A 170 -3.19 21.63 -10.36
N ASP A 171 -3.22 22.85 -9.80
CA ASP A 171 -4.34 23.29 -8.98
C ASP A 171 -4.10 22.79 -7.55
N VAL A 172 -3.09 23.30 -6.89
CA VAL A 172 -2.68 22.65 -5.69
C VAL A 172 -3.84 22.70 -4.72
N GLU A 173 -4.75 23.62 -5.00
CA GLU A 173 -5.83 23.85 -4.01
C GLU A 173 -6.87 22.76 -4.19
N GLY A 174 -7.07 22.34 -5.43
CA GLY A 174 -8.04 21.24 -5.66
C GLY A 174 -7.45 19.90 -5.20
N ILE A 175 -6.18 19.72 -5.47
CA ILE A 175 -5.45 18.56 -4.92
C ILE A 175 -5.63 18.44 -3.40
N PHE A 176 -5.45 19.51 -2.62
CA PHE A 176 -5.58 19.42 -1.14
C PHE A 176 -7.03 18.96 -0.76
N ASN A 177 -7.96 19.57 -1.47
CA ASN A 177 -9.37 19.29 -1.27
C ASN A 177 -9.72 17.83 -1.62
N ASP A 178 -9.04 17.31 -2.64
CA ASP A 178 -9.16 15.87 -3.08
C ASP A 178 -8.61 15.04 -1.90
N VAL A 179 -7.44 15.38 -1.37
CA VAL A 179 -6.86 14.66 -0.20
C VAL A 179 -7.82 14.66 0.95
N VAL A 180 -8.40 15.83 1.22
CA VAL A 180 -9.40 15.96 2.28
C VAL A 180 -10.72 15.19 2.10
N GLU A 181 -11.28 15.13 0.90
CA GLU A 181 -12.42 14.32 0.68
C GLU A 181 -12.08 12.84 0.91
N ASN A 182 -10.87 12.40 0.49
CA ASN A 182 -10.49 10.99 0.72
C ASN A 182 -10.32 10.65 2.16
N VAL A 183 -9.78 11.53 2.96
CA VAL A 183 -9.68 11.21 4.39
C VAL A 183 -11.06 11.15 5.07
N LYS A 184 -11.96 12.01 4.60
CA LYS A 184 -13.35 12.05 5.06
C LYS A 184 -14.11 10.78 4.73
N ARG A 185 -14.04 10.35 3.49
CA ARG A 185 -14.65 9.06 3.10
C ARG A 185 -14.00 7.90 3.93
N LEU A 186 -12.70 7.93 4.18
CA LEU A 186 -12.05 6.84 4.85
C LEU A 186 -12.57 6.78 6.28
N TYR A 187 -12.70 7.95 6.87
CA TYR A 187 -13.12 8.06 8.28
C TYR A 187 -14.64 7.70 8.41
N GLN A 188 -15.44 8.28 7.55
CA GLN A 188 -16.89 8.23 7.77
C GLN A 188 -17.55 7.01 7.19
N GLU A 189 -17.14 6.55 6.00
CA GLU A 189 -17.72 5.32 5.44
C GLU A 189 -16.86 4.04 5.63
N ALA A 190 -15.55 4.14 5.46
CA ALA A 190 -14.70 2.97 5.76
C ALA A 190 -14.43 2.75 7.24
N GLU A 191 -14.62 3.78 8.04
CA GLU A 191 -14.26 3.73 9.46
C GLU A 191 -12.82 3.29 9.67
N LEU A 192 -11.95 3.90 8.92
CA LEU A 192 -10.52 3.73 9.12
C LEU A 192 -9.84 5.09 9.26
N VAL A 193 -8.63 5.02 9.82
CA VAL A 193 -7.73 6.11 9.95
C VAL A 193 -6.33 5.67 9.65
N HIS A 194 -5.67 6.38 8.73
CA HIS A 194 -4.32 6.08 8.41
C HIS A 194 -3.40 6.46 9.57
N ALA A 195 -2.53 5.55 10.00
CA ALA A 195 -1.61 5.81 11.13
C ALA A 195 -0.60 6.94 10.79
N ASP A 196 -0.31 7.16 9.52
CA ASP A 196 0.75 8.14 9.23
C ASP A 196 0.66 8.60 7.83
N LEU A 197 -0.41 9.34 7.58
CA LEU A 197 -0.73 9.91 6.30
C LEU A 197 0.13 11.07 5.93
N SER A 198 0.76 11.08 4.75
CA SER A 198 1.78 12.13 4.44
C SER A 198 2.00 12.28 2.98
N GLU A 199 2.79 13.29 2.61
CA GLU A 199 3.21 13.45 1.18
C GLU A 199 4.04 12.25 0.68
N TYR A 200 4.50 11.37 1.55
CA TYR A 200 5.25 10.18 1.14
C TYR A 200 4.41 8.97 0.68
N ASN A 201 3.14 8.91 1.07
CA ASN A 201 2.29 7.76 0.70
C ASN A 201 1.00 8.18 0.00
N ILE A 202 1.05 9.35 -0.62
CA ILE A 202 -0.04 9.84 -1.51
C ILE A 202 0.52 10.07 -2.89
N MSE A 203 -0.06 9.36 -3.88
CA MSE A 203 0.30 9.59 -5.25
C MSE A 203 -0.61 10.45 -6.02
O MSE A 203 -1.77 10.60 -5.62
CB MSE A 203 0.57 8.26 -6.00
CG MSE A 203 1.58 7.43 -5.31
SE MSE A 203 1.86 5.68 -6.41
CE MSE A 203 3.95 5.57 -6.43
N TYR A 204 -0.14 10.93 -7.19
CA TYR A 204 -1.02 11.82 -8.05
C TYR A 204 -0.76 11.62 -9.52
N ILE A 205 -1.79 11.31 -10.29
CA ILE A 205 -1.68 11.25 -11.77
C ILE A 205 -2.65 12.33 -12.34
N ASP A 206 -3.94 12.07 -12.27
CA ASP A 206 -4.93 13.15 -12.46
C ASP A 206 -5.93 13.27 -11.33
N LYS A 207 -5.65 12.58 -10.23
CA LYS A 207 -6.40 12.69 -8.98
C LYS A 207 -5.52 12.01 -7.94
N VAL A 208 -5.79 12.21 -6.66
CA VAL A 208 -5.07 11.54 -5.59
C VAL A 208 -5.43 10.06 -5.42
N TYR A 209 -4.38 9.34 -5.02
CA TYR A 209 -4.47 7.98 -4.62
C TYR A 209 -3.73 7.83 -3.30
N PHE A 210 -4.35 7.15 -2.35
CA PHE A 210 -3.69 6.75 -1.06
C PHE A 210 -3.15 5.36 -1.24
N ILE A 211 -1.87 5.12 -1.07
CA ILE A 211 -1.30 3.86 -1.59
C ILE A 211 -0.67 2.90 -0.58
N ASP A 212 -0.62 3.23 0.71
CA ASP A 212 -0.23 2.17 1.66
C ASP A 212 -1.14 1.91 2.79
N MSE A 213 -2.16 1.15 2.47
CA MSE A 213 -3.22 0.99 3.41
C MSE A 213 -2.94 0.00 4.58
O MSE A 213 -3.81 -0.29 5.43
CB MSE A 213 -4.51 0.72 2.70
CG MSE A 213 -4.90 1.86 1.83
SE MSE A 213 -5.60 3.32 3.03
CE MSE A 213 -6.78 2.39 3.88
N GLY A 214 -1.74 -0.51 4.63
CA GLY A 214 -1.38 -1.44 5.71
C GLY A 214 -1.24 -0.70 7.04
N GLN A 215 -0.92 0.57 7.00
CA GLN A 215 -0.74 1.32 8.21
C GLN A 215 -2.04 2.03 8.72
N ALA A 216 -3.16 1.39 8.55
CA ALA A 216 -4.48 2.01 8.80
C ALA A 216 -5.05 1.23 9.95
N VAL A 217 -5.67 1.91 10.92
CA VAL A 217 -6.29 1.25 12.12
C VAL A 217 -7.81 1.50 12.06
N THR A 218 -8.57 0.60 12.69
CA THR A 218 -10.00 0.87 12.85
C THR A 218 -10.28 1.96 13.88
N LEU A 219 -11.51 2.46 13.94
CA LEU A 219 -11.84 3.51 14.93
C LEU A 219 -11.89 3.09 16.36
N ARG A 220 -11.96 1.78 16.65
CA ARG A 220 -11.76 1.25 18.01
C ARG A 220 -10.31 1.21 18.53
N HIS A 221 -9.34 1.55 17.70
CA HIS A 221 -7.97 1.63 18.13
C HIS A 221 -7.81 2.81 19.10
N PRO A 222 -7.15 2.57 20.21
CA PRO A 222 -6.94 3.69 21.16
C PRO A 222 -6.38 4.98 20.55
N MSE A 223 -5.54 4.88 19.54
CA MSE A 223 -4.91 6.09 19.01
C MSE A 223 -5.60 6.64 17.71
O MSE A 223 -5.03 7.42 17.01
CB MSE A 223 -3.46 5.73 18.70
CG MSE A 223 -2.57 5.43 19.95
SE MSE A 223 -2.08 7.17 20.70
CE MSE A 223 -0.94 7.87 19.12
N ALA A 224 -6.78 6.14 17.36
CA ALA A 224 -7.50 6.55 16.12
C ALA A 224 -7.60 8.06 16.04
N GLU A 225 -8.07 8.65 17.13
CA GLU A 225 -8.31 10.07 17.08
C GLU A 225 -7.03 10.82 16.94
N SER A 226 -6.03 10.39 17.69
CA SER A 226 -4.72 11.05 17.67
C SER A 226 -4.12 10.95 16.30
N TYR A 227 -4.19 9.73 15.71
CA TYR A 227 -3.61 9.56 14.42
C TYR A 227 -4.34 10.45 13.41
N LEU A 228 -5.67 10.53 13.49
CA LEU A 228 -6.41 11.39 12.59
C LEU A 228 -5.95 12.85 12.68
N GLU A 229 -5.80 13.38 13.88
CA GLU A 229 -5.41 14.79 13.99
C GLU A 229 -3.99 15.04 13.51
N ARG A 230 -3.12 14.05 13.72
CA ARG A 230 -1.82 14.12 13.20
C ARG A 230 -1.78 14.12 11.71
N ASP A 231 -2.66 13.31 11.07
CA ASP A 231 -2.75 13.21 9.62
C ASP A 231 -3.17 14.57 9.11
N VAL A 232 -4.13 15.17 9.79
CA VAL A 232 -4.69 16.50 9.32
C VAL A 232 -3.60 17.58 9.35
N ARG A 233 -2.76 17.52 10.39
CA ARG A 233 -1.65 18.43 10.59
C ARG A 233 -0.57 18.24 9.55
N ASN A 234 -0.19 16.97 9.32
CA ASN A 234 0.75 16.63 8.26
C ASN A 234 0.31 17.21 6.92
N ILE A 235 -0.97 17.11 6.66
CA ILE A 235 -1.48 17.43 5.32
C ILE A 235 -1.50 18.98 5.21
N ILE A 236 -1.90 19.65 6.27
CA ILE A 236 -1.94 21.13 6.16
C ILE A 236 -0.52 21.67 6.15
N ARG A 237 0.31 21.18 7.03
CA ARG A 237 1.74 21.43 6.91
C ARG A 237 2.30 21.33 5.51
N PHE A 238 2.05 20.22 4.83
CA PHE A 238 2.70 20.05 3.57
C PHE A 238 2.09 20.97 2.55
N PHE A 239 0.78 21.10 2.53
CA PHE A 239 0.18 21.91 1.52
C PHE A 239 0.36 23.41 1.79
N SER A 240 0.59 23.76 3.04
CA SER A 240 0.70 25.19 3.38
C SER A 240 1.96 25.75 2.69
N LYS A 241 3.01 24.91 2.63
CA LYS A 241 4.26 25.10 1.82
C LYS A 241 4.06 25.50 0.36
N TYR A 242 2.86 25.31 -0.14
CA TYR A 242 2.61 25.61 -1.53
C TYR A 242 1.44 26.52 -1.69
N GLY A 243 1.10 27.21 -0.59
CA GLY A 243 0.31 28.44 -0.63
C GLY A 243 -1.18 28.21 -0.43
N VAL A 244 -1.54 26.96 -0.31
CA VAL A 244 -2.82 26.58 0.30
C VAL A 244 -2.86 26.96 1.76
N LYS A 245 -3.94 27.62 2.15
CA LYS A 245 -4.11 28.04 3.52
C LYS A 245 -5.36 27.34 4.00
N ALA A 246 -5.30 26.66 5.13
CA ALA A 246 -6.50 26.00 5.60
C ALA A 246 -6.47 25.89 7.11
N ASP A 247 -7.63 25.73 7.73
CA ASP A 247 -7.71 25.67 9.17
C ASP A 247 -7.85 24.22 9.70
N PHE A 248 -6.94 23.85 10.61
CA PHE A 248 -7.07 22.61 11.41
C PHE A 248 -8.49 22.23 11.89
N GLU A 249 -9.06 23.04 12.73
CA GLU A 249 -10.29 22.65 13.31
C GLU A 249 -11.39 22.60 12.26
N GLU A 250 -11.27 23.36 11.18
CA GLU A 250 -12.28 23.35 10.08
C GLU A 250 -12.14 22.11 9.14
N MSE A 251 -10.90 21.68 8.90
CA MSE A 251 -10.65 20.39 8.20
C MSE A 251 -11.00 19.13 9.04
O MSE A 251 -11.65 18.20 8.54
CB MSE A 251 -9.23 20.32 7.69
CG MSE A 251 -8.92 21.44 6.68
SE MSE A 251 -10.42 21.71 5.33
CE MSE A 251 -11.74 22.99 6.44
N LEU A 252 -10.60 19.15 10.28
CA LEU A 252 -10.99 18.12 11.21
C LEU A 252 -12.51 17.98 11.29
N LYS A 253 -13.23 19.12 11.40
CA LYS A 253 -14.68 19.13 11.24
C LYS A 253 -15.20 18.59 9.89
N GLU A 254 -14.58 19.01 8.80
CA GLU A 254 -14.97 18.51 7.47
C GLU A 254 -14.87 16.99 7.39
N VAL A 255 -13.77 16.43 7.91
CA VAL A 255 -13.53 14.99 7.95
C VAL A 255 -14.51 14.29 8.85
N LYS A 256 -14.77 14.92 9.99
CA LYS A 256 -15.47 14.17 11.03
C LYS A 256 -16.99 14.32 10.94
N GLY A 257 -17.47 15.45 10.43
CA GLY A 257 -18.83 15.55 9.98
C GLY A 257 -19.83 15.37 11.12
O5' XYA B . 4.42 2.72 -0.27
C5' XYA B . 4.50 1.95 -1.49
C4' XYA B . 5.85 2.12 -2.13
O4' XYA B . 5.89 1.39 -3.34
C1' XYA B . 5.43 2.18 -4.45
N9 XYA B . 3.96 1.73 -4.72
C8 XYA B . 3.22 1.25 -3.72
N7 XYA B . 2.01 0.87 -4.12
C5 XYA B . 1.91 1.12 -5.40
C6 XYA B . 0.81 0.94 -6.42
N1 XYA B . 1.09 1.25 -7.68
C2 XYA B . 2.29 1.72 -8.00
N3 XYA B . 3.29 1.93 -7.13
C4 XYA B . 3.19 1.66 -5.82
N6 XYA B . -0.34 0.47 -6.07
C2' XYA B . 5.77 3.62 -3.96
O2' XYA B . 6.88 4.29 -4.65
C3' XYA B . 6.21 3.51 -2.50
O3' XYA B . 5.60 4.48 -1.63
#